data_2R69
#
_entry.id   2R69
#
_cell.length_a   164.770
_cell.length_b   66.888
_cell.length_c   79.410
_cell.angle_alpha   90.000
_cell.angle_beta   113.050
_cell.angle_gamma   90.000
#
_symmetry.space_group_name_H-M   'C 1 2 1'
#
loop_
_entity.id
_entity.type
_entity.pdbx_description
1 polymer 'Major envelope protein E'
2 polymer 'Heavy chain of 1A1D-2'
3 polymer 'Light chain of 1A1D-2'
#
loop_
_entity_poly.entity_id
_entity_poly.type
_entity_poly.pdbx_seq_one_letter_code
_entity_poly.pdbx_strand_id
1 'polypeptide(L)'
;SYSMCTGKFKVVKEIAETQHGTIVIRVQYEGDGSPCKIPFEIMDLEKRHVLGRLITVNPIVTEKDSPVNIEAEPPFGDSY
IIIGVEPGQLKLNWFKK
;
A
2 'polypeptide(L)'
;EVQLQQSGAELVKPGASVKLSCTASGFNIKDTYMHWVKQRPEQGLEWIGRIDPANGYSKYDPKFQGKATITADTSSNAAY
LQLSSLTSEDTAVYFCARDYEGFAYWGQGTLVTVSSAKTTPPSVYPLAPGAATSSSVTLGCLVKGYFPEPVTLTWNSGSL
SSGVHTFPAVLQSDLYTLSSSVTVTSSTWPSQTITCNVAHPASSTKVDKKIEPR
;
H
3 'polypeptide(L)'
;DIVLTQSPASLAVSLGQRATISCRASESVVRYGNSFMHWYQQKPGQPPKLLIYRASSLESGIPTRFSGSGSRTDFTLTIN
PVEADDVATYYCQQTNVDPWAFGGGTKLEIKRADAAPTVSIFPPSSEQLTSGGASVVCFLNNFYPKDINVKWKIDGSERQ
NGVLNSWTDQDSKDSTYSMSSTLTLTKDEYERHNSYTCEATSPIVKSFNRNE
;
L
#
# COMPACT_ATOMS: atom_id res chain seq x y z
N SER A 1 25.64 -23.13 -18.93
CA SER A 1 25.75 -24.60 -18.63
C SER A 1 26.65 -25.01 -17.46
N TYR A 2 27.72 -24.26 -17.19
CA TYR A 2 28.56 -24.64 -16.05
C TYR A 2 28.45 -23.73 -14.80
N SER A 3 27.78 -22.59 -14.90
CA SER A 3 27.59 -21.59 -13.83
C SER A 3 27.06 -21.83 -12.35
N MET A 4 27.89 -21.50 -11.35
CA MET A 4 27.47 -21.54 -9.94
C MET A 4 27.02 -20.10 -9.97
N CYS A 5 25.74 -19.82 -9.77
CA CYS A 5 25.28 -18.43 -9.88
C CYS A 5 25.67 -17.41 -8.87
N THR A 6 25.82 -16.21 -9.40
CA THR A 6 26.17 -15.07 -8.59
C THR A 6 24.87 -14.39 -8.24
N GLY A 7 24.16 -14.96 -7.30
CA GLY A 7 22.92 -14.33 -6.93
C GLY A 7 22.64 -14.57 -5.48
N LYS A 8 21.59 -13.90 -5.05
CA LYS A 8 21.16 -13.93 -3.69
C LYS A 8 19.92 -14.82 -3.50
N PHE A 9 20.06 -15.83 -2.65
CA PHE A 9 18.94 -16.75 -2.40
C PHE A 9 18.25 -16.55 -1.05
N LYS A 10 17.06 -17.13 -0.94
CA LYS A 10 16.26 -17.06 0.28
C LYS A 10 15.26 -18.21 0.41
N VAL A 11 15.03 -18.66 1.64
CA VAL A 11 14.08 -19.76 1.86
C VAL A 11 12.69 -19.18 1.93
N VAL A 12 11.74 -19.77 1.22
CA VAL A 12 10.37 -19.26 1.22
C VAL A 12 9.39 -20.21 1.87
N LYS A 13 9.91 -21.14 2.65
CA LYS A 13 9.09 -22.11 3.37
C LYS A 13 9.92 -22.64 4.50
N GLU A 14 9.31 -22.93 5.64
CA GLU A 14 10.08 -23.45 6.75
C GLU A 14 10.61 -24.84 6.45
N ILE A 15 11.91 -25.00 6.62
CA ILE A 15 12.58 -26.27 6.38
C ILE A 15 11.86 -27.40 7.09
N ALA A 16 11.37 -28.35 6.32
CA ALA A 16 10.69 -29.50 6.90
C ALA A 16 11.74 -30.38 7.61
N GLU A 17 11.29 -31.39 8.34
CA GLU A 17 12.21 -32.27 9.07
C GLU A 17 11.92 -33.75 8.87
N THR A 18 11.65 -34.18 7.63
CA THR A 18 11.36 -35.59 7.42
C THR A 18 12.35 -36.43 8.22
N GLN A 19 11.84 -37.13 9.23
CA GLN A 19 12.68 -37.95 10.07
C GLN A 19 13.49 -38.98 9.29
N HIS A 20 13.17 -39.17 8.01
CA HIS A 20 13.92 -40.11 7.18
C HIS A 20 15.37 -39.67 7.18
N GLY A 21 15.59 -38.47 7.73
CA GLY A 21 16.91 -37.85 7.86
C GLY A 21 16.99 -36.43 7.31
N THR A 22 16.71 -36.35 6.02
CA THR A 22 16.71 -35.14 5.22
C THR A 22 16.01 -33.88 5.76
N ILE A 23 16.67 -32.73 5.62
CA ILE A 23 16.08 -31.46 6.00
C ILE A 23 15.93 -30.68 4.69
N VAL A 24 14.71 -30.68 4.18
CA VAL A 24 14.37 -30.05 2.91
C VAL A 24 14.18 -28.53 2.91
N ILE A 25 15.27 -27.80 2.63
CA ILE A 25 15.20 -26.35 2.52
C ILE A 25 14.60 -26.10 1.14
N ARG A 26 14.15 -24.89 0.85
CA ARG A 26 13.59 -24.64 -0.47
C ARG A 26 13.81 -23.15 -0.78
N VAL A 27 14.65 -22.81 -1.74
CA VAL A 27 14.91 -21.39 -1.99
C VAL A 27 14.61 -20.80 -3.36
N GLN A 28 14.60 -19.46 -3.43
CA GLN A 28 14.36 -18.71 -4.67
C GLN A 28 15.56 -17.80 -4.94
N TYR A 29 15.94 -17.68 -6.21
CA TYR A 29 17.10 -16.89 -6.64
C TYR A 29 16.80 -15.47 -7.15
N GLU A 30 17.54 -14.49 -6.61
CA GLU A 30 17.42 -13.08 -6.96
C GLU A 30 18.64 -12.69 -7.77
N GLY A 31 18.80 -13.15 -9.00
CA GLY A 31 20.00 -12.79 -9.74
C GLY A 31 19.86 -12.74 -11.24
N ASP A 32 20.98 -12.79 -11.98
CA ASP A 32 20.84 -12.67 -13.41
C ASP A 32 20.99 -13.84 -14.44
N GLY A 33 21.99 -14.74 -14.37
CA GLY A 33 22.11 -15.85 -15.34
C GLY A 33 20.82 -16.50 -15.88
N SER A 34 20.80 -17.79 -16.18
CA SER A 34 19.52 -18.38 -16.61
C SER A 34 19.29 -19.77 -15.99
N PRO A 35 20.18 -20.79 -16.18
CA PRO A 35 19.99 -22.12 -15.58
C PRO A 35 21.33 -22.37 -14.90
N CYS A 36 21.47 -21.92 -13.66
CA CYS A 36 22.75 -22.08 -13.00
C CYS A 36 22.80 -22.81 -11.67
N LYS A 37 23.94 -22.72 -10.99
CA LYS A 37 24.15 -23.44 -9.74
C LYS A 37 23.88 -22.75 -8.42
N ILE A 38 23.75 -23.58 -7.40
CA ILE A 38 23.50 -23.17 -6.04
C ILE A 38 24.78 -23.38 -5.26
N PRO A 39 25.44 -22.31 -4.83
CA PRO A 39 26.66 -22.60 -4.10
C PRO A 39 26.21 -23.32 -2.83
N PHE A 40 25.47 -24.41 -3.00
CA PHE A 40 24.99 -25.14 -1.84
C PHE A 40 26.07 -26.01 -1.24
N GLU A 41 26.46 -25.63 -0.05
CA GLU A 41 27.47 -26.35 0.70
C GLU A 41 27.12 -26.06 2.13
N ILE A 42 27.47 -26.97 3.03
CA ILE A 42 27.17 -26.83 4.44
C ILE A 42 28.50 -26.69 5.16
N MET A 43 28.45 -26.34 6.44
CA MET A 43 29.69 -26.27 7.21
C MET A 43 29.48 -25.87 8.64
N ASP A 44 30.57 -25.81 9.40
CA ASP A 44 30.46 -25.44 10.80
C ASP A 44 30.66 -23.95 10.98
N LEU A 45 30.75 -23.52 12.24
CA LEU A 45 30.78 -22.10 12.63
C LEU A 45 31.62 -21.01 11.98
N GLU A 46 32.63 -21.42 11.21
CA GLU A 46 33.46 -20.51 10.43
C GLU A 46 33.21 -21.32 9.17
N LYS A 47 33.96 -21.15 8.09
CA LYS A 47 33.66 -22.13 7.06
C LYS A 47 34.48 -23.26 7.67
N ARG A 48 34.21 -23.53 8.96
CA ARG A 48 34.86 -24.62 9.76
C ARG A 48 34.67 -25.62 8.64
N HIS A 49 35.72 -26.27 8.17
CA HIS A 49 35.45 -27.15 7.07
C HIS A 49 34.22 -28.02 7.33
N VAL A 50 33.75 -28.62 6.26
CA VAL A 50 32.58 -29.46 6.20
C VAL A 50 32.14 -30.49 7.25
N LEU A 51 30.82 -30.51 7.49
CA LEU A 51 30.12 -31.44 8.37
C LEU A 51 28.74 -31.45 7.73
N GLY A 52 28.58 -32.14 6.61
CA GLY A 52 27.28 -32.14 5.97
C GLY A 52 27.26 -32.68 4.55
N ARG A 53 26.38 -33.66 4.33
CA ARG A 53 26.26 -34.31 3.03
C ARG A 53 25.04 -33.87 2.23
N LEU A 54 25.26 -33.19 1.11
CA LEU A 54 24.15 -32.75 0.28
C LEU A 54 23.57 -33.94 -0.51
N ILE A 55 22.26 -34.14 -0.44
CA ILE A 55 21.62 -35.27 -1.12
C ILE A 55 20.83 -34.84 -2.36
N THR A 56 21.32 -33.85 -3.07
CA THR A 56 20.63 -33.40 -4.26
C THR A 56 21.58 -33.66 -5.41
N VAL A 57 21.14 -34.43 -6.39
CA VAL A 57 21.98 -34.74 -7.54
C VAL A 57 22.86 -33.54 -7.85
N ASN A 58 22.37 -32.67 -8.71
CA ASN A 58 23.07 -31.44 -9.06
C ASN A 58 21.94 -30.40 -9.22
N PRO A 59 21.41 -29.91 -8.08
CA PRO A 59 20.32 -28.92 -8.01
C PRO A 59 20.66 -27.66 -8.80
N ILE A 60 19.66 -27.09 -9.48
CA ILE A 60 19.88 -25.90 -10.31
C ILE A 60 18.69 -24.94 -10.24
N VAL A 61 18.48 -24.16 -11.30
CA VAL A 61 17.35 -23.22 -11.36
C VAL A 61 17.08 -22.88 -12.82
N THR A 62 15.90 -22.39 -13.18
CA THR A 62 15.69 -21.99 -14.58
C THR A 62 15.28 -20.52 -14.81
N GLU A 63 14.24 -20.04 -14.13
CA GLU A 63 13.83 -18.63 -14.27
C GLU A 63 13.57 -18.00 -12.91
N LYS A 64 13.23 -16.72 -12.89
CA LYS A 64 13.03 -16.02 -11.63
C LYS A 64 11.68 -16.18 -10.91
N ASP A 65 10.63 -16.51 -11.65
CA ASP A 65 9.33 -16.64 -11.00
C ASP A 65 9.05 -18.02 -10.38
N SER A 66 10.09 -18.81 -10.04
CA SER A 66 9.82 -20.12 -9.42
C SER A 66 10.76 -20.50 -8.30
N PRO A 67 10.39 -21.50 -7.47
CA PRO A 67 11.23 -21.93 -6.36
C PRO A 67 12.12 -23.12 -6.66
N VAL A 68 13.25 -23.18 -5.95
CA VAL A 68 14.25 -24.24 -6.10
C VAL A 68 14.34 -25.10 -4.85
N ASN A 69 13.89 -26.33 -5.00
CA ASN A 69 13.87 -27.28 -3.91
C ASN A 69 15.24 -27.88 -3.64
N ILE A 70 15.47 -28.24 -2.37
CA ILE A 70 16.72 -28.87 -1.91
C ILE A 70 16.41 -29.81 -0.73
N GLU A 71 17.13 -30.93 -0.66
CA GLU A 71 16.98 -31.93 0.40
C GLU A 71 18.37 -32.42 0.73
N ALA A 72 18.89 -32.09 1.92
CA ALA A 72 20.25 -32.52 2.29
C ALA A 72 20.30 -33.42 3.51
N GLU A 73 21.49 -33.91 3.85
CA GLU A 73 21.65 -34.81 5.01
C GLU A 73 22.52 -34.27 6.15
N PRO A 74 21.96 -34.10 7.36
CA PRO A 74 22.72 -33.60 8.52
C PRO A 74 23.04 -34.47 9.76
N PRO A 75 24.30 -35.00 9.90
CA PRO A 75 24.53 -35.77 11.13
C PRO A 75 24.43 -34.75 12.23
N PHE A 76 24.06 -35.24 13.41
CA PHE A 76 23.68 -34.33 14.45
C PHE A 76 24.43 -33.79 15.61
N GLY A 77 23.82 -32.71 16.08
CA GLY A 77 24.29 -31.96 17.21
C GLY A 77 24.16 -30.52 16.82
N ASP A 78 25.30 -29.85 16.87
CA ASP A 78 25.43 -28.43 16.58
C ASP A 78 26.00 -28.28 15.14
N SER A 79 25.41 -27.46 14.27
CA SER A 79 25.94 -27.33 12.90
C SER A 79 25.34 -26.17 12.10
N TYR A 80 25.94 -25.84 10.96
CA TYR A 80 25.46 -24.72 10.12
C TYR A 80 25.14 -24.96 8.64
N ILE A 81 24.40 -24.03 8.06
CA ILE A 81 24.03 -24.10 6.65
C ILE A 81 24.50 -22.86 5.91
N ILE A 82 24.63 -22.97 4.59
CA ILE A 82 25.07 -21.84 3.78
C ILE A 82 24.59 -21.92 2.36
N ILE A 83 24.62 -20.77 1.71
CA ILE A 83 24.26 -20.65 0.33
C ILE A 83 24.78 -19.31 -0.11
N GLY A 84 25.48 -19.28 -1.22
CA GLY A 84 25.94 -18.02 -1.72
C GLY A 84 27.38 -17.67 -1.79
N VAL A 85 27.69 -17.00 -2.89
CA VAL A 85 29.02 -16.45 -3.15
C VAL A 85 28.92 -15.55 -1.93
N GLU A 86 29.98 -14.95 -1.43
CA GLU A 86 29.68 -14.17 -0.24
C GLU A 86 28.60 -13.07 -0.42
N PRO A 87 28.70 -12.16 -1.43
CA PRO A 87 27.62 -11.17 -1.53
C PRO A 87 26.31 -11.84 -1.24
N GLY A 88 25.70 -11.47 -0.11
CA GLY A 88 24.45 -12.09 0.27
C GLY A 88 24.74 -13.47 0.86
N GLN A 89 25.29 -13.46 2.07
CA GLN A 89 25.64 -14.69 2.76
C GLN A 89 24.48 -15.42 3.41
N LEU A 90 24.28 -16.67 3.03
CA LEU A 90 23.20 -17.43 3.60
C LEU A 90 23.68 -18.22 4.79
N LYS A 91 23.83 -17.54 5.91
CA LYS A 91 24.28 -18.19 7.14
C LYS A 91 23.08 -18.69 7.95
N LEU A 92 22.61 -19.91 7.69
CA LEU A 92 21.49 -20.45 8.44
C LEU A 92 21.96 -21.51 9.44
N ASN A 93 21.40 -21.49 10.64
CA ASN A 93 21.78 -22.48 11.65
C ASN A 93 20.77 -23.60 11.67
N TRP A 94 21.14 -24.72 12.29
CA TRP A 94 20.25 -25.87 12.42
C TRP A 94 20.66 -26.72 13.61
N PHE A 95 19.73 -26.98 14.50
CA PHE A 95 20.00 -27.78 15.68
C PHE A 95 19.37 -29.15 15.51
N LYS A 96 19.80 -30.13 16.29
CA LYS A 96 19.19 -31.44 16.12
C LYS A 96 19.42 -32.34 17.32
N LYS A 97 18.38 -33.09 17.67
CA LYS A 97 18.45 -34.04 18.78
C LYS A 97 17.81 -35.38 18.42
N GLU B 1 4.54 -11.15 -16.22
CA GLU B 1 5.49 -11.94 -15.39
C GLU B 1 4.75 -12.80 -14.39
N VAL B 2 4.83 -12.41 -13.13
CA VAL B 2 4.14 -13.14 -12.09
C VAL B 2 3.10 -12.17 -11.54
N GLN B 3 1.80 -12.41 -11.71
CA GLN B 3 0.84 -11.43 -11.22
C GLN B 3 -0.33 -11.85 -10.34
N LEU B 4 -0.14 -11.64 -9.03
CA LEU B 4 -1.19 -11.93 -8.06
C LEU B 4 -2.26 -10.87 -8.29
N GLN B 5 -3.44 -11.32 -8.71
CA GLN B 5 -4.53 -10.40 -8.99
C GLN B 5 -5.91 -10.53 -8.27
N GLN B 6 -6.16 -9.69 -7.27
CA GLN B 6 -7.44 -9.71 -6.54
C GLN B 6 -8.63 -9.22 -7.36
N SER B 7 -9.83 -9.64 -6.95
CA SER B 7 -11.10 -9.29 -7.63
C SER B 7 -11.64 -7.89 -7.32
N GLY B 8 -11.90 -7.14 -8.39
CA GLY B 8 -12.41 -5.78 -8.33
C GLY B 8 -12.93 -5.29 -6.98
N ALA B 9 -14.24 -5.26 -6.82
CA ALA B 9 -14.83 -4.79 -5.58
C ALA B 9 -16.10 -5.56 -5.27
N GLU B 10 -16.65 -5.31 -4.08
CA GLU B 10 -17.90 -5.91 -3.66
C GLU B 10 -18.43 -5.27 -2.39
N LEU B 11 -19.75 -5.39 -2.19
CA LEU B 11 -20.45 -4.78 -1.07
C LEU B 11 -21.42 -5.77 -0.46
N VAL B 12 -21.75 -5.59 0.81
CA VAL B 12 -22.67 -6.52 1.49
C VAL B 12 -23.49 -5.97 2.65
N LYS B 13 -24.67 -6.55 2.82
CA LYS B 13 -25.55 -6.14 3.89
C LYS B 13 -24.90 -6.57 5.20
N PRO B 14 -24.92 -5.70 6.22
CA PRO B 14 -24.31 -6.04 7.51
C PRO B 14 -24.79 -7.40 7.99
N GLY B 15 -23.86 -8.22 8.44
CA GLY B 15 -24.22 -9.56 8.90
C GLY B 15 -24.42 -10.41 7.65
N ALA B 16 -23.34 -10.62 6.91
CA ALA B 16 -23.39 -11.38 5.67
C ALA B 16 -22.03 -11.92 5.33
N SER B 17 -21.83 -12.26 4.06
CA SER B 17 -20.54 -12.82 3.65
C SER B 17 -20.02 -12.25 2.34
N VAL B 18 -18.73 -12.48 2.11
CA VAL B 18 -18.01 -12.07 0.89
C VAL B 18 -16.97 -13.15 0.67
N LYS B 19 -16.35 -13.17 -0.50
CA LYS B 19 -15.34 -14.18 -0.78
C LYS B 19 -14.28 -13.67 -1.73
N LEU B 20 -13.39 -12.82 -1.24
CA LEU B 20 -12.35 -12.26 -2.10
C LEU B 20 -11.60 -13.35 -2.85
N SER B 21 -10.79 -12.95 -3.81
CA SER B 21 -10.04 -13.90 -4.61
C SER B 21 -8.74 -13.30 -5.07
N CYS B 22 -7.65 -14.04 -4.86
CA CYS B 22 -6.31 -13.60 -5.23
C CYS B 22 -5.77 -14.57 -6.26
N THR B 23 -5.89 -14.19 -7.53
CA THR B 23 -5.47 -15.02 -8.63
C THR B 23 -4.04 -14.77 -9.02
N ALA B 24 -3.17 -15.70 -8.61
CA ALA B 24 -1.74 -15.64 -8.93
C ALA B 24 -1.61 -15.98 -10.42
N SER B 25 -0.75 -15.29 -11.15
CA SER B 25 -0.63 -15.59 -12.58
C SER B 25 0.56 -16.38 -13.13
N GLY B 26 1.74 -16.22 -12.53
CA GLY B 26 2.92 -16.93 -13.04
C GLY B 26 3.56 -18.03 -12.21
N PHE B 27 3.12 -18.22 -10.98
CA PHE B 27 3.72 -19.24 -10.12
C PHE B 27 2.67 -20.21 -9.61
N ASN B 28 3.08 -21.44 -9.40
CA ASN B 28 2.14 -22.41 -8.90
C ASN B 28 1.91 -22.15 -7.44
N ILE B 29 0.77 -21.55 -7.13
CA ILE B 29 0.40 -21.24 -5.75
C ILE B 29 1.05 -22.18 -4.75
N LYS B 30 1.10 -23.48 -5.06
CA LYS B 30 1.69 -24.47 -4.17
C LYS B 30 3.06 -24.03 -3.68
N ASP B 31 3.88 -23.57 -4.62
CA ASP B 31 5.24 -23.16 -4.34
C ASP B 31 5.57 -22.51 -3.02
N THR B 32 4.72 -21.65 -2.47
CA THR B 32 5.09 -20.99 -1.21
C THR B 32 3.96 -20.68 -0.23
N TYR B 33 4.07 -19.54 0.46
CA TYR B 33 3.08 -19.08 1.42
C TYR B 33 2.28 -17.98 0.75
N MET B 34 1.05 -17.74 1.24
CA MET B 34 0.22 -16.66 0.71
C MET B 34 -0.53 -15.99 1.85
N HIS B 35 -0.49 -14.66 1.87
CA HIS B 35 -1.10 -13.92 2.96
C HIS B 35 -2.37 -13.14 2.69
N TRP B 36 -2.87 -12.54 3.76
CA TRP B 36 -4.09 -11.75 3.69
C TRP B 36 -3.95 -10.69 4.75
N VAL B 37 -3.76 -9.45 4.31
CA VAL B 37 -3.62 -8.34 5.24
C VAL B 37 -4.88 -7.52 5.23
N LYS B 38 -5.01 -6.61 6.18
CA LYS B 38 -6.17 -5.74 6.25
C LYS B 38 -5.69 -4.29 6.38
N GLN B 39 -6.48 -3.34 5.88
CA GLN B 39 -6.13 -1.92 5.96
C GLN B 39 -7.36 -1.07 5.72
N ARG B 40 -7.59 -0.11 6.61
CA ARG B 40 -8.76 0.77 6.58
C ARG B 40 -8.40 2.27 6.45
N PRO B 41 -9.39 3.17 6.44
CA PRO B 41 -9.16 4.62 6.35
C PRO B 41 -7.74 5.10 6.65
N GLU B 42 -7.35 5.06 7.91
CA GLU B 42 -6.03 5.52 8.32
C GLU B 42 -5.24 4.42 8.99
N GLN B 43 -5.96 3.52 9.64
CA GLN B 43 -5.30 2.43 10.33
C GLN B 43 -4.20 1.82 9.48
N GLY B 44 -3.06 1.57 10.11
CA GLY B 44 -1.97 0.95 9.40
C GLY B 44 -2.32 -0.46 8.93
N LEU B 45 -1.52 -1.46 9.29
CA LEU B 45 -1.82 -2.80 8.80
C LEU B 45 -2.02 -3.80 9.91
N GLU B 46 -2.84 -4.82 9.67
CA GLU B 46 -3.14 -5.85 10.66
C GLU B 46 -3.09 -7.13 9.79
N TRP B 47 -2.35 -8.13 10.25
CA TRP B 47 -2.16 -9.42 9.56
C TRP B 47 -3.33 -10.35 9.86
N ILE B 48 -4.02 -10.79 8.83
CA ILE B 48 -5.16 -11.68 9.04
C ILE B 48 -4.73 -13.15 8.97
N GLY B 49 -3.52 -13.43 8.50
CA GLY B 49 -3.10 -14.82 8.46
C GLY B 49 -2.38 -15.24 7.19
N ARG B 50 -1.97 -16.50 7.17
CA ARG B 50 -1.26 -17.07 6.05
C ARG B 50 -1.80 -18.46 5.77
N ILE B 51 -1.49 -18.98 4.59
CA ILE B 51 -1.93 -20.32 4.20
C ILE B 51 -0.87 -21.00 3.34
N ASP B 52 -0.63 -22.28 3.60
CA ASP B 52 0.35 -23.08 2.86
C ASP B 52 -0.44 -24.00 1.95
N PRO B 53 -0.59 -23.62 0.68
CA PRO B 53 -1.32 -24.35 -0.35
C PRO B 53 -1.14 -25.85 -0.36
N ALA B 54 0.11 -26.30 -0.36
CA ALA B 54 0.41 -27.72 -0.42
C ALA B 54 -0.34 -28.58 0.60
N ASN B 55 -0.10 -28.34 1.87
CA ASN B 55 -0.73 -29.12 2.94
C ASN B 55 -1.93 -28.44 3.59
N GLY B 56 -2.63 -27.61 2.84
CA GLY B 56 -3.80 -26.94 3.38
C GLY B 56 -3.71 -26.29 4.76
N TYR B 57 -2.71 -26.60 5.57
CA TYR B 57 -2.62 -26.00 6.90
C TYR B 57 -2.52 -24.49 6.77
N SER B 58 -2.83 -23.78 7.85
CA SER B 58 -2.77 -22.33 7.83
C SER B 58 -3.10 -21.77 9.20
N LYS B 59 -2.32 -20.77 9.63
CA LYS B 59 -2.50 -20.10 10.94
C LYS B 59 -2.93 -18.63 10.77
N TYR B 60 -3.72 -18.11 11.72
CA TYR B 60 -4.18 -16.73 11.63
C TYR B 60 -3.83 -15.91 12.88
N ASP B 61 -4.21 -14.62 12.90
CA ASP B 61 -3.97 -13.76 14.06
C ASP B 61 -5.16 -14.11 14.95
N PRO B 62 -4.92 -14.45 16.22
CA PRO B 62 -6.07 -14.83 17.04
C PRO B 62 -7.44 -14.16 16.95
N LYS B 63 -7.57 -12.88 17.18
CA LYS B 63 -8.92 -12.33 17.17
C LYS B 63 -9.62 -12.16 15.80
N PHE B 64 -8.98 -12.65 14.73
CA PHE B 64 -9.50 -12.54 13.36
C PHE B 64 -10.21 -13.79 12.90
N GLN B 65 -10.00 -14.86 13.65
CA GLN B 65 -10.58 -16.16 13.35
C GLN B 65 -12.08 -16.23 13.06
N GLY B 66 -12.90 -16.25 14.12
CA GLY B 66 -14.34 -16.35 13.97
C GLY B 66 -14.81 -15.71 12.70
N LYS B 67 -14.15 -14.61 12.36
CA LYS B 67 -14.49 -13.89 11.15
C LYS B 67 -14.16 -14.73 9.94
N ALA B 68 -13.00 -14.43 9.35
CA ALA B 68 -12.51 -15.08 8.14
C ALA B 68 -12.07 -16.54 8.21
N THR B 69 -11.61 -17.05 7.07
CA THR B 69 -11.14 -18.43 6.96
C THR B 69 -10.44 -18.56 5.61
N ILE B 70 -9.12 -18.40 5.60
CA ILE B 70 -8.38 -18.46 4.35
C ILE B 70 -8.39 -19.84 3.75
N THR B 71 -8.36 -19.88 2.42
CA THR B 71 -8.36 -21.13 1.68
C THR B 71 -8.20 -20.96 0.19
N ALA B 72 -7.21 -21.68 -0.35
CA ALA B 72 -6.89 -21.71 -1.77
C ALA B 72 -6.85 -23.20 -1.89
N ASP B 73 -6.47 -23.78 -3.03
CA ASP B 73 -6.40 -25.24 -3.10
C ASP B 73 -5.29 -25.93 -3.87
N THR B 74 -5.29 -27.25 -3.74
CA THR B 74 -4.31 -28.13 -4.37
C THR B 74 -4.51 -28.16 -5.88
N SER B 75 -5.61 -27.60 -6.34
CA SER B 75 -5.81 -27.69 -7.76
C SER B 75 -5.34 -26.51 -8.58
N SER B 76 -6.02 -26.37 -9.70
CA SER B 76 -5.84 -25.31 -10.63
C SER B 76 -6.13 -23.88 -10.27
N ASN B 77 -7.01 -23.47 -9.35
CA ASN B 77 -6.91 -22.02 -9.05
C ASN B 77 -6.29 -21.27 -7.98
N ALA B 78 -6.57 -19.94 -8.02
CA ALA B 78 -6.14 -18.95 -7.01
C ALA B 78 -6.49 -19.08 -5.40
N ALA B 79 -5.85 -18.25 -4.56
CA ALA B 79 -6.08 -18.26 -3.10
C ALA B 79 -7.20 -17.31 -2.68
N TYR B 80 -8.22 -17.87 -2.03
CA TYR B 80 -9.47 -17.18 -1.60
C TYR B 80 -9.56 -16.88 -0.10
N LEU B 81 -10.67 -16.29 0.34
CA LEU B 81 -10.95 -15.98 1.75
C LEU B 81 -12.36 -15.40 1.94
N GLN B 82 -12.85 -15.39 3.18
CA GLN B 82 -14.19 -14.87 3.45
C GLN B 82 -14.49 -14.63 4.93
N LEU B 83 -15.02 -13.44 5.25
CA LEU B 83 -15.38 -13.08 6.63
C LEU B 83 -16.87 -13.33 6.91
N SER B 84 -17.24 -13.37 8.19
CA SER B 84 -18.63 -13.63 8.58
C SER B 84 -19.17 -12.74 9.69
N SER B 85 -20.49 -12.65 9.80
CA SER B 85 -21.15 -11.82 10.81
C SER B 85 -20.32 -10.54 10.85
N LEU B 86 -20.22 -9.95 9.66
CA LEU B 86 -19.45 -8.73 9.42
C LEU B 86 -19.89 -7.54 10.22
N THR B 87 -18.96 -6.63 10.47
CA THR B 87 -19.27 -5.42 11.22
C THR B 87 -19.10 -4.21 10.31
N SER B 88 -18.87 -3.03 10.89
CA SER B 88 -18.68 -1.85 10.07
C SER B 88 -17.21 -1.58 9.93
N GLU B 89 -16.46 -1.73 11.02
CA GLU B 89 -15.03 -1.50 11.01
C GLU B 89 -14.32 -2.34 9.93
N ASP B 90 -14.75 -3.59 9.76
CA ASP B 90 -14.15 -4.46 8.75
C ASP B 90 -14.34 -3.90 7.36
N THR B 91 -15.16 -2.87 7.24
CA THR B 91 -15.38 -2.27 5.93
C THR B 91 -14.05 -1.64 5.55
N ALA B 92 -13.27 -2.39 4.75
CA ALA B 92 -11.97 -1.89 4.33
C ALA B 92 -11.24 -2.86 3.41
N VAL B 93 -10.11 -2.41 2.90
CA VAL B 93 -9.29 -3.15 1.95
C VAL B 93 -8.52 -4.36 2.46
N TYR B 94 -8.26 -5.31 1.56
CA TYR B 94 -7.54 -6.52 1.88
C TYR B 94 -6.50 -6.83 0.81
N PHE B 95 -5.35 -7.35 1.24
CA PHE B 95 -4.24 -7.71 0.35
C PHE B 95 -3.75 -9.15 0.57
N CYS B 96 -3.09 -9.69 -0.45
CA CYS B 96 -2.54 -11.04 -0.37
C CYS B 96 -1.07 -10.96 -0.76
N ALA B 97 -0.23 -11.83 -0.21
CA ALA B 97 1.20 -11.80 -0.53
C ALA B 97 1.73 -13.24 -0.69
N ARG B 98 3.04 -13.42 -0.89
CA ARG B 98 3.56 -14.79 -1.08
C ARG B 98 4.94 -15.21 -0.51
N ASP B 99 5.93 -14.32 -0.57
CA ASP B 99 7.30 -14.65 -0.14
C ASP B 99 7.66 -14.79 1.34
N TYR B 100 8.11 -15.96 1.79
CA TYR B 100 8.57 -16.10 3.20
C TYR B 100 9.87 -15.32 3.11
N GLU B 101 10.11 -14.46 4.07
CA GLU B 101 11.29 -13.62 4.04
C GLU B 101 11.01 -12.37 3.19
N GLY B 102 9.90 -11.70 3.49
CA GLY B 102 9.57 -10.48 2.78
C GLY B 102 8.55 -10.58 1.67
N PHE B 103 7.38 -10.01 1.90
CA PHE B 103 6.32 -10.04 0.92
C PHE B 103 6.83 -9.18 -0.22
N ALA B 104 7.18 -9.81 -1.34
CA ALA B 104 7.69 -9.06 -2.48
C ALA B 104 6.55 -8.56 -3.34
N TYR B 105 5.67 -9.47 -3.75
CA TYR B 105 4.53 -9.10 -4.58
C TYR B 105 3.21 -9.37 -3.89
N TRP B 106 2.32 -8.39 -3.91
CA TRP B 106 1.00 -8.53 -3.31
C TRP B 106 -0.09 -8.40 -4.36
N GLY B 107 -1.34 -8.27 -3.89
CA GLY B 107 -2.46 -8.13 -4.79
C GLY B 107 -2.88 -6.69 -4.78
N LEU B 111 -11.41 -3.51 -2.38
CA LEU B 111 -12.08 -2.77 -1.33
C LEU B 111 -13.41 -3.43 -1.03
N VAL B 112 -13.69 -3.64 0.24
CA VAL B 112 -14.93 -4.27 0.68
C VAL B 112 -15.63 -3.33 1.64
N THR B 113 -16.93 -3.13 1.41
CA THR B 113 -17.76 -2.24 2.21
C THR B 113 -18.99 -2.93 2.80
N VAL B 114 -19.38 -2.49 3.99
CA VAL B 114 -20.53 -3.03 4.70
C VAL B 114 -21.63 -1.96 4.70
N SER B 115 -22.68 -2.11 3.89
CA SER B 115 -23.73 -1.09 3.85
C SER B 115 -25.22 -1.39 3.66
N SER B 116 -26.01 -0.36 3.98
CA SER B 116 -27.46 -0.35 3.92
C SER B 116 -28.08 0.09 2.58
N ALA B 117 -27.76 1.31 2.12
CA ALA B 117 -28.33 1.79 0.86
C ALA B 117 -27.42 1.44 -0.29
N LYS B 118 -27.98 0.94 -1.39
CA LYS B 118 -27.20 0.52 -2.55
C LYS B 118 -26.61 1.60 -3.45
N THR B 119 -25.91 1.12 -4.48
CA THR B 119 -25.25 1.92 -5.49
C THR B 119 -26.10 3.00 -6.20
N THR B 120 -25.65 4.24 -6.20
CA THR B 120 -26.42 5.26 -6.89
C THR B 120 -25.41 6.10 -7.66
N PRO B 121 -25.57 6.17 -9.00
CA PRO B 121 -24.64 6.94 -9.83
C PRO B 121 -24.23 8.21 -9.16
N PRO B 122 -23.05 8.74 -9.49
CA PRO B 122 -22.61 9.98 -8.87
C PRO B 122 -23.16 11.08 -9.77
N SER B 123 -22.98 12.31 -9.34
CA SER B 123 -23.45 13.43 -10.13
C SER B 123 -22.25 14.32 -10.37
N VAL B 124 -21.87 14.45 -11.63
CA VAL B 124 -20.72 15.24 -11.97
C VAL B 124 -21.12 16.46 -12.77
N TYR B 125 -20.67 17.62 -12.32
CA TYR B 125 -20.94 18.87 -13.00
C TYR B 125 -19.57 19.51 -13.24
N PRO B 126 -19.30 19.96 -14.47
CA PRO B 126 -17.98 20.57 -14.62
C PRO B 126 -18.08 21.91 -13.95
N LEU B 127 -17.08 22.29 -13.15
CA LEU B 127 -17.13 23.59 -12.49
C LEU B 127 -16.07 24.51 -13.08
N ALA B 128 -16.49 25.53 -13.82
CA ALA B 128 -15.54 26.46 -14.43
C ALA B 128 -16.07 27.90 -14.53
N PRO B 129 -15.16 28.88 -14.76
CA PRO B 129 -15.52 30.30 -14.87
C PRO B 129 -14.50 30.95 -15.76
N GLY B 130 -14.17 32.14 -15.27
CA GLY B 130 -13.20 33.02 -15.83
C GLY B 130 -13.78 34.40 -15.71
N ALA B 131 -13.33 35.25 -16.61
CA ALA B 131 -13.86 36.57 -16.64
C ALA B 131 -14.15 36.93 -18.08
N ALA B 132 -14.05 35.94 -18.98
CA ALA B 132 -14.33 36.14 -20.40
C ALA B 132 -14.87 34.84 -21.05
N VAL B 137 -4.22 29.98 -16.24
CA VAL B 137 -5.45 29.21 -16.18
C VAL B 137 -5.67 28.67 -14.80
N THR B 138 -6.93 28.30 -14.56
CA THR B 138 -7.40 27.77 -13.29
C THR B 138 -8.79 27.13 -13.43
N LEU B 139 -8.89 25.80 -13.54
CA LEU B 139 -10.22 25.17 -13.61
C LEU B 139 -10.40 23.84 -12.85
N GLY B 140 -11.50 23.15 -13.11
CA GLY B 140 -11.76 21.87 -12.45
C GLY B 140 -13.14 21.29 -12.74
N CYS B 141 -13.56 20.31 -11.95
CA CYS B 141 -14.88 19.73 -12.14
C CYS B 141 -15.29 18.97 -10.90
N LEU B 142 -16.59 19.04 -10.59
CA LEU B 142 -17.15 18.44 -9.39
C LEU B 142 -18.02 17.21 -9.56
N VAL B 143 -18.00 16.38 -8.51
CA VAL B 143 -18.76 15.12 -8.44
C VAL B 143 -19.46 14.97 -7.06
N LYS B 144 -20.74 14.63 -7.04
CA LYS B 144 -21.47 14.51 -5.77
C LYS B 144 -22.70 13.56 -5.73
N GLY B 145 -22.96 12.99 -4.56
CA GLY B 145 -24.11 12.12 -4.38
C GLY B 145 -24.00 10.67 -4.83
N TYR B 146 -22.93 9.98 -4.46
CA TYR B 146 -22.78 8.57 -4.84
C TYR B 146 -22.46 7.80 -3.57
N PHE B 147 -22.53 6.47 -3.61
CA PHE B 147 -22.25 5.71 -2.40
C PHE B 147 -21.08 4.74 -2.37
N PRO B 148 -21.22 3.53 -2.94
CA PRO B 148 -20.05 2.65 -2.87
C PRO B 148 -18.79 3.51 -3.02
N GLU B 149 -17.79 3.26 -2.17
CA GLU B 149 -16.59 4.10 -2.14
C GLU B 149 -15.56 4.24 -3.26
N PRO B 150 -15.81 3.68 -4.43
CA PRO B 150 -14.69 3.96 -5.35
C PRO B 150 -15.15 4.94 -6.44
N VAL B 151 -14.26 5.82 -6.89
CA VAL B 151 -14.61 6.75 -7.97
C VAL B 151 -13.40 7.23 -8.73
N THR B 152 -13.01 6.46 -9.74
CA THR B 152 -11.85 6.76 -10.58
C THR B 152 -12.11 8.04 -11.35
N LEU B 153 -11.27 9.05 -11.14
CA LEU B 153 -11.45 10.31 -11.82
C LEU B 153 -10.26 10.68 -12.70
N THR B 154 -10.51 10.76 -14.00
CA THR B 154 -9.48 11.08 -14.97
C THR B 154 -9.86 12.36 -15.65
N TRP B 155 -8.88 13.12 -16.13
CA TRP B 155 -9.18 14.36 -16.81
C TRP B 155 -9.39 14.31 -18.31
N ASN B 156 -8.36 14.03 -19.09
CA ASN B 156 -8.58 13.92 -20.53
C ASN B 156 -8.41 12.50 -21.08
N SER B 157 -7.24 11.93 -20.81
CA SER B 157 -6.97 10.57 -21.25
C SER B 157 -5.97 10.07 -20.21
N GLY B 158 -4.95 10.90 -20.01
CA GLY B 158 -3.86 10.62 -19.11
C GLY B 158 -2.79 11.39 -19.85
N SER B 159 -3.30 12.27 -20.70
CA SER B 159 -2.46 13.13 -21.52
C SER B 159 -2.63 14.55 -20.99
N LEU B 160 -3.40 14.64 -19.91
CA LEU B 160 -3.67 15.91 -19.21
C LEU B 160 -3.18 15.75 -17.75
N SER B 161 -2.12 14.95 -17.61
CA SER B 161 -1.53 14.59 -16.32
C SER B 161 -0.45 15.52 -15.78
N SER B 162 0.13 15.10 -14.65
CA SER B 162 1.14 15.87 -13.95
C SER B 162 0.67 17.31 -13.89
N GLY B 163 -0.43 17.49 -13.16
CA GLY B 163 -1.04 18.80 -12.97
C GLY B 163 -2.30 18.55 -12.18
N VAL B 164 -2.79 17.32 -12.24
CA VAL B 164 -4.01 16.97 -11.55
C VAL B 164 -3.95 16.89 -10.03
N HIS B 165 -5.08 17.19 -9.41
CA HIS B 165 -5.28 17.18 -7.96
C HIS B 165 -6.64 16.56 -7.61
N THR B 166 -6.63 15.26 -7.36
CA THR B 166 -7.86 14.56 -7.00
C THR B 166 -7.91 14.66 -5.50
N PHE B 167 -8.90 15.38 -5.01
CA PHE B 167 -9.08 15.57 -3.58
C PHE B 167 -9.96 14.45 -3.00
N PRO B 168 -9.75 14.11 -1.72
CA PRO B 168 -10.48 13.07 -1.01
C PRO B 168 -11.99 13.03 -1.15
N ALA B 169 -12.52 11.88 -0.75
CA ALA B 169 -13.95 11.64 -0.76
C ALA B 169 -14.43 12.51 0.38
N VAL B 170 -15.72 12.83 0.40
CA VAL B 170 -16.28 13.65 1.46
C VAL B 170 -17.59 12.96 1.83
N LEU B 171 -17.93 12.95 3.13
CA LEU B 171 -19.13 12.24 3.56
C LEU B 171 -20.28 12.94 4.32
N GLN B 172 -21.39 13.20 3.61
CA GLN B 172 -22.60 13.73 4.25
C GLN B 172 -23.13 12.31 4.43
N SER B 173 -23.90 11.99 5.46
CA SER B 173 -24.21 10.56 5.62
C SER B 173 -25.03 9.60 4.79
N ASP B 174 -24.25 8.60 4.40
CA ASP B 174 -24.59 7.45 3.57
C ASP B 174 -24.85 7.81 2.13
N LEU B 175 -24.09 8.83 1.72
CA LEU B 175 -24.05 9.42 0.40
C LEU B 175 -22.71 10.17 0.40
N TYR B 176 -22.03 10.24 -0.75
CA TYR B 176 -20.72 10.91 -0.83
C TYR B 176 -20.65 12.17 -1.70
N THR B 177 -19.48 12.83 -1.68
CA THR B 177 -19.23 14.07 -2.45
C THR B 177 -17.74 14.29 -2.68
N LEU B 178 -17.36 14.72 -3.88
CA LEU B 178 -15.93 14.97 -4.19
C LEU B 178 -15.66 15.95 -5.31
N SER B 179 -14.51 16.59 -5.21
CA SER B 179 -14.06 17.56 -6.20
C SER B 179 -12.66 17.13 -6.63
N SER B 180 -12.20 17.64 -7.77
CA SER B 180 -10.87 17.32 -8.26
C SER B 180 -10.52 18.44 -9.21
N SER B 181 -9.33 18.99 -9.05
CA SER B 181 -8.90 20.10 -9.90
C SER B 181 -7.71 19.81 -10.79
N VAL B 182 -7.78 20.16 -12.05
CA VAL B 182 -6.59 19.98 -12.82
C VAL B 182 -6.33 21.43 -13.13
N THR B 183 -5.46 22.00 -12.34
CA THR B 183 -5.08 23.37 -12.47
C THR B 183 -4.19 23.34 -13.69
N VAL B 184 -4.75 23.79 -14.79
CA VAL B 184 -4.05 23.78 -16.06
C VAL B 184 -3.78 25.19 -16.50
N THR B 185 -2.95 26.00 -15.82
CA THR B 185 -2.75 27.40 -16.30
C THR B 185 -2.37 27.31 -17.78
N SER B 186 -2.26 26.07 -18.26
CA SER B 186 -1.94 25.89 -19.64
C SER B 186 -2.85 26.71 -20.56
N SER B 187 -2.15 27.67 -21.18
CA SER B 187 -2.58 28.68 -22.15
C SER B 187 -3.85 28.79 -22.98
N THR B 188 -4.09 27.74 -23.77
CA THR B 188 -5.20 27.70 -24.71
C THR B 188 -6.33 26.70 -24.42
N TRP B 189 -7.39 27.13 -23.74
CA TRP B 189 -8.51 26.23 -23.49
C TRP B 189 -8.93 25.53 -24.84
N PRO B 190 -9.07 26.30 -25.95
CA PRO B 190 -9.44 25.65 -27.23
C PRO B 190 -8.93 26.40 -28.47
N THR B 193 -11.23 21.80 -26.67
CA THR B 193 -12.09 21.44 -25.56
C THR B 193 -11.33 20.63 -24.54
N ILE B 194 -11.94 20.52 -23.36
CA ILE B 194 -11.44 19.76 -22.23
C ILE B 194 -12.49 18.65 -21.99
N THR B 195 -12.55 18.11 -20.78
CA THR B 195 -13.49 17.02 -20.50
C THR B 195 -13.22 16.48 -19.09
N CYS B 196 -14.18 15.75 -18.52
CA CYS B 196 -13.95 15.23 -17.19
C CYS B 196 -14.44 13.81 -17.07
N ASN B 197 -13.54 12.84 -17.33
CA ASN B 197 -13.87 11.43 -17.26
C ASN B 197 -13.89 10.96 -15.83
N VAL B 198 -15.09 10.81 -15.29
CA VAL B 198 -15.22 10.33 -13.94
C VAL B 198 -15.67 8.89 -14.13
N ALA B 199 -15.41 8.04 -13.14
CA ALA B 199 -15.79 6.62 -13.24
C ALA B 199 -16.28 5.98 -11.94
N HIS B 200 -17.53 5.51 -11.95
CA HIS B 200 -18.10 4.86 -10.79
C HIS B 200 -18.36 3.38 -11.04
N PRO B 201 -17.41 2.53 -10.61
CA PRO B 201 -17.35 1.07 -10.69
C PRO B 201 -18.56 0.33 -10.12
N ALA B 202 -19.10 0.84 -9.02
CA ALA B 202 -20.21 0.19 -8.36
C ALA B 202 -21.57 0.22 -9.04
N SER B 203 -22.00 1.39 -9.53
CA SER B 203 -23.29 1.48 -10.20
C SER B 203 -23.00 1.34 -11.67
N SER B 204 -21.73 1.06 -11.95
CA SER B 204 -21.27 0.91 -13.31
C SER B 204 -21.50 2.18 -14.08
N THR B 205 -20.67 3.18 -13.86
CA THR B 205 -20.87 4.39 -14.61
C THR B 205 -19.65 5.15 -14.97
N LYS B 206 -19.53 5.43 -16.26
CA LYS B 206 -18.44 6.22 -16.79
C LYS B 206 -19.17 7.39 -17.44
N VAL B 207 -18.86 8.59 -16.96
CA VAL B 207 -19.47 9.81 -17.45
C VAL B 207 -18.41 10.70 -18.02
N ASP B 208 -18.81 11.85 -18.54
CA ASP B 208 -17.87 12.81 -19.11
C ASP B 208 -18.61 14.11 -19.30
N LYS B 209 -17.90 15.23 -19.18
CA LYS B 209 -18.52 16.55 -19.37
C LYS B 209 -17.45 17.48 -19.89
N LYS B 210 -17.68 18.14 -21.01
CA LYS B 210 -16.63 19.04 -21.51
C LYS B 210 -16.72 20.38 -20.80
N ILE B 211 -16.12 21.44 -21.36
CA ILE B 211 -16.17 22.72 -20.66
C ILE B 211 -16.16 24.04 -21.46
N GLU B 212 -16.95 25.00 -20.95
CA GLU B 212 -17.08 26.38 -21.45
C GLU B 212 -17.80 26.76 -22.73
N ASP C 1 1.19 -13.94 21.30
CA ASP C 1 1.39 -12.48 21.57
C ASP C 1 2.84 -12.13 21.27
N ILE C 2 3.07 -10.91 20.81
CA ILE C 2 4.40 -10.44 20.49
C ILE C 2 4.22 -8.95 20.27
N VAL C 3 5.31 -8.21 20.07
CA VAL C 3 5.20 -6.77 19.85
C VAL C 3 6.42 -6.17 19.18
N LEU C 4 6.19 -5.01 18.56
CA LEU C 4 7.22 -4.20 17.91
C LEU C 4 6.80 -2.75 18.16
N THR C 5 7.71 -1.80 18.10
CA THR C 5 7.30 -0.45 18.43
C THR C 5 7.96 0.68 17.65
N GLN C 6 7.43 0.98 16.47
CA GLN C 6 7.99 2.05 15.66
C GLN C 6 7.81 3.39 16.37
N SER C 7 8.83 3.81 17.10
CA SER C 7 8.79 5.05 17.87
C SER C 7 8.25 6.32 17.20
N PRO C 8 9.05 6.94 16.31
CA PRO C 8 8.56 8.17 15.66
C PRO C 8 7.19 8.07 15.00
N ALA C 9 6.13 8.27 15.77
CA ALA C 9 4.78 8.19 15.23
C ALA C 9 4.62 9.07 14.00
N SER C 10 5.66 9.83 13.69
CA SER C 10 5.68 10.71 12.52
C SER C 10 6.87 11.61 12.66
N LEU C 11 7.31 12.18 11.55
CA LEU C 11 8.43 13.09 11.55
C LEU C 11 8.57 13.70 10.16
N ALA C 12 9.50 14.65 10.01
CA ALA C 12 9.74 15.29 8.72
C ALA C 12 11.22 15.64 8.57
N VAL C 13 11.80 15.26 7.43
CA VAL C 13 13.21 15.53 7.18
C VAL C 13 13.47 16.38 5.94
N SER C 14 14.48 17.24 6.03
CA SER C 14 14.82 18.14 4.95
C SER C 14 15.11 17.35 3.70
N LEU C 15 15.32 18.06 2.61
CA LEU C 15 15.60 17.43 1.34
C LEU C 15 17.11 17.36 1.17
N GLY C 16 17.73 16.37 1.79
CA GLY C 16 19.17 16.22 1.71
C GLY C 16 19.74 15.73 3.03
N GLN C 17 18.85 15.59 4.01
CA GLN C 17 19.24 15.14 5.33
C GLN C 17 19.11 13.64 5.43
N ARG C 18 19.40 13.14 6.62
CA ARG C 18 19.35 11.72 6.91
C ARG C 18 18.14 11.36 7.78
N ALA C 19 17.25 10.52 7.27
CA ALA C 19 16.09 10.12 8.05
C ALA C 19 16.53 8.86 8.73
N THR C 20 15.85 8.50 9.81
CA THR C 20 16.20 7.28 10.52
C THR C 20 15.06 6.81 11.44
N ILE C 21 14.66 5.55 11.26
CA ILE C 21 13.56 4.97 12.02
C ILE C 21 14.03 3.72 12.77
N SER C 22 13.71 3.59 14.06
CA SER C 22 14.16 2.43 14.84
C SER C 22 13.09 1.60 15.57
N CYS C 23 12.65 0.52 14.95
CA CYS C 23 11.63 -0.37 15.52
C CYS C 23 12.17 -1.03 16.81
N ARG C 24 11.30 -1.72 17.55
CA ARG C 24 11.66 -2.43 18.80
C ARG C 24 10.60 -3.51 19.11
N ALA C 25 11.02 -4.70 19.52
CA ALA C 25 10.11 -5.82 19.83
C ALA C 25 10.08 -6.24 21.30
N SER C 26 8.91 -6.71 21.71
CA SER C 26 8.67 -7.12 23.08
C SER C 26 9.81 -7.84 23.80
N GLU C 27 9.82 -9.16 23.75
CA GLU C 27 10.89 -9.87 24.44
C GLU C 27 11.70 -10.76 23.51
N SER C 28 11.30 -10.84 22.25
CA SER C 28 12.07 -11.69 21.35
C SER C 28 11.56 -11.81 19.93
N VAL C 29 12.49 -11.99 19.02
CA VAL C 29 12.21 -12.19 17.62
C VAL C 29 13.54 -12.46 16.96
N VAL C 30 14.01 -13.67 17.14
CA VAL C 30 15.28 -14.12 16.56
C VAL C 30 15.04 -15.52 16.09
N ARG C 31 15.52 -15.82 14.90
CA ARG C 31 15.30 -17.14 14.35
C ARG C 31 16.38 -17.46 13.35
N TYR C 32 16.86 -18.69 13.38
CA TYR C 32 17.93 -19.10 12.47
C TYR C 32 19.04 -18.04 12.32
N GLY C 33 19.65 -17.63 13.42
CA GLY C 33 20.75 -16.67 13.34
C GLY C 33 20.43 -15.26 12.89
N ASN C 34 19.93 -15.09 11.65
CA ASN C 34 19.53 -13.74 11.19
C ASN C 34 18.09 -13.52 11.63
N SER C 35 17.69 -12.26 11.80
CA SER C 35 16.30 -12.06 12.16
C SER C 35 15.51 -11.87 10.87
N PHE C 36 14.31 -12.43 10.79
CA PHE C 36 13.54 -12.29 9.57
C PHE C 36 12.82 -10.97 9.47
N MET C 37 13.50 -9.94 9.97
CA MET C 37 12.97 -8.59 9.92
C MET C 37 12.51 -8.31 8.48
N HIS C 38 11.61 -7.34 8.36
CA HIS C 38 11.05 -6.94 7.07
C HIS C 38 10.62 -5.46 7.07
N TRP C 39 11.00 -4.73 6.03
CA TRP C 39 10.66 -3.32 5.90
C TRP C 39 9.90 -2.98 4.62
N TYR C 40 8.91 -2.10 4.72
CA TYR C 40 8.10 -1.74 3.56
C TYR C 40 7.87 -0.25 3.32
N GLN C 41 7.07 0.04 2.30
CA GLN C 41 6.74 1.38 1.90
C GLN C 41 5.37 1.41 1.26
N GLN C 42 4.40 2.11 1.87
CA GLN C 42 3.07 2.18 1.30
C GLN C 42 2.60 3.59 1.02
N LYS C 43 1.90 3.75 -0.11
CA LYS C 43 1.32 5.02 -0.53
C LYS C 43 -0.18 4.92 -0.80
N PRO C 44 -0.95 5.91 -0.34
CA PRO C 44 -2.41 6.01 -0.47
C PRO C 44 -3.00 5.28 -1.67
N GLY C 45 -4.09 4.56 -1.42
CA GLY C 45 -4.78 3.81 -2.45
C GLY C 45 -3.90 2.97 -3.39
N GLN C 46 -2.65 2.72 -2.97
CA GLN C 46 -1.70 1.98 -3.77
C GLN C 46 -1.12 0.68 -3.11
N PRO C 47 -0.36 -0.12 -3.89
CA PRO C 47 0.24 -1.36 -3.39
C PRO C 47 1.53 -1.19 -2.63
N PRO C 48 1.57 -1.70 -1.38
CA PRO C 48 2.74 -1.61 -0.51
C PRO C 48 3.92 -2.34 -1.08
N LYS C 49 4.87 -1.61 -1.63
CA LYS C 49 6.05 -2.24 -2.20
C LYS C 49 6.98 -2.58 -1.04
N LEU C 50 7.69 -3.70 -1.16
CA LEU C 50 8.60 -4.16 -0.13
C LEU C 50 10.00 -3.68 -0.41
N LEU C 51 10.82 -3.57 0.63
CA LEU C 51 12.18 -3.09 0.44
C LEU C 51 13.30 -3.69 1.28
N ILE C 52 12.99 -4.61 2.18
CA ILE C 52 14.05 -5.14 3.04
C ILE C 52 13.66 -6.45 3.72
N TYR C 53 14.68 -7.24 4.08
CA TYR C 53 14.48 -8.48 4.83
C TYR C 53 15.81 -8.84 5.49
N ARG C 54 15.72 -9.29 6.74
CA ARG C 54 16.88 -9.69 7.55
C ARG C 54 17.95 -8.63 7.83
N ALA C 55 17.68 -7.35 7.51
CA ALA C 55 18.63 -6.25 7.74
C ALA C 55 19.93 -6.24 6.92
N SER C 56 19.93 -6.98 5.82
CA SER C 56 21.05 -7.09 4.87
C SER C 56 20.34 -7.37 3.55
N SER C 57 19.76 -6.34 2.94
CA SER C 57 19.01 -6.59 1.73
C SER C 57 18.92 -5.61 0.55
N LEU C 58 18.32 -6.17 -0.49
CA LEU C 58 18.06 -5.54 -1.76
C LEU C 58 16.92 -6.42 -2.20
N GLU C 59 16.07 -5.88 -3.07
CA GLU C 59 14.93 -6.61 -3.60
C GLU C 59 14.24 -5.61 -4.51
N SER C 60 13.85 -6.06 -5.70
CA SER C 60 13.19 -5.17 -6.65
C SER C 60 14.07 -3.94 -6.88
N GLY C 61 15.36 -4.18 -6.92
CA GLY C 61 16.33 -3.14 -7.18
C GLY C 61 15.99 -1.70 -6.85
N ILE C 62 16.26 -1.33 -5.61
CA ILE C 62 16.09 0.02 -5.15
C ILE C 62 17.50 0.63 -5.31
N PRO C 63 17.69 1.57 -6.26
CA PRO C 63 19.02 2.18 -6.43
C PRO C 63 19.36 2.38 -4.97
N THR C 64 20.49 1.90 -4.45
CA THR C 64 20.70 2.01 -3.01
C THR C 64 20.50 3.38 -2.43
N ARG C 65 19.29 3.57 -1.94
CA ARG C 65 18.99 4.84 -1.34
C ARG C 65 18.62 4.55 0.11
N PHE C 66 17.83 3.48 0.30
CA PHE C 66 17.23 3.06 1.58
C PHE C 66 17.79 2.04 2.61
N SER C 67 18.96 1.42 2.49
CA SER C 67 19.37 0.32 3.46
C SER C 67 19.14 0.04 5.00
N GLY C 68 19.35 -1.22 5.40
CA GLY C 68 19.13 -1.69 6.79
C GLY C 68 20.00 -1.36 8.02
N SER C 69 19.79 -2.07 9.15
CA SER C 69 20.55 -1.80 10.39
C SER C 69 20.08 -2.46 11.73
N GLY C 70 20.99 -3.11 12.48
CA GLY C 70 20.66 -3.74 13.80
C GLY C 70 20.30 -5.23 13.96
N SER C 71 20.24 -5.80 15.18
CA SER C 71 19.93 -7.26 15.25
C SER C 71 19.33 -8.10 16.40
N ARG C 72 19.62 -7.89 17.68
CA ARG C 72 18.93 -8.72 18.69
C ARG C 72 17.54 -8.07 18.56
N THR C 73 16.46 -8.38 19.29
CA THR C 73 15.26 -7.65 18.85
C THR C 73 15.13 -6.13 19.08
N ASP C 74 16.25 -5.46 19.32
CA ASP C 74 16.27 -4.00 19.46
C ASP C 74 16.78 -3.48 18.08
N PHE C 75 15.96 -2.81 17.27
CA PHE C 75 16.41 -2.36 15.93
C PHE C 75 16.48 -0.85 15.57
N THR C 76 16.71 -0.57 14.28
CA THR C 76 16.85 0.80 13.79
C THR C 76 17.20 0.93 12.30
N LEU C 77 16.30 1.48 11.48
CA LEU C 77 16.54 1.65 10.01
C LEU C 77 16.88 3.07 9.54
N THR C 78 17.11 3.22 8.24
CA THR C 78 17.49 4.52 7.66
C THR C 78 17.25 4.73 6.15
N ILE C 79 16.97 5.98 5.76
CA ILE C 79 16.78 6.35 4.34
C ILE C 79 17.48 7.69 4.13
N ASN C 80 18.80 7.65 3.99
CA ASN C 80 19.61 8.85 3.82
C ASN C 80 19.19 9.80 2.69
N PRO C 81 19.60 9.50 1.44
CA PRO C 81 19.15 10.47 0.43
C PRO C 81 17.61 10.47 0.32
N VAL C 82 16.96 11.45 0.96
CA VAL C 82 15.50 11.53 0.97
C VAL C 82 14.98 12.28 -0.23
N GLU C 83 13.92 11.76 -0.83
CA GLU C 83 13.40 12.38 -2.03
C GLU C 83 11.89 12.45 -2.07
N ALA C 84 11.40 12.76 -3.25
CA ALA C 84 10.00 12.92 -3.50
C ALA C 84 9.07 11.69 -3.44
N ASP C 85 9.45 10.60 -4.10
CA ASP C 85 8.61 9.40 -4.03
C ASP C 85 8.58 9.15 -2.54
N ASP C 86 9.64 9.49 -1.81
CA ASP C 86 9.67 9.25 -0.35
C ASP C 86 8.55 9.52 0.66
N VAL C 87 7.37 9.94 0.27
CA VAL C 87 6.35 10.17 1.28
C VAL C 87 5.46 8.97 1.43
N ALA C 88 5.54 8.33 2.58
CA ALA C 88 4.76 7.13 2.85
C ALA C 88 4.96 6.70 4.29
N THR C 89 4.17 5.75 4.74
CA THR C 89 4.31 5.26 6.10
C THR C 89 5.04 3.93 6.11
N TYR C 90 6.35 3.96 6.32
CA TYR C 90 7.12 2.72 6.33
C TYR C 90 6.69 1.85 7.51
N TYR C 91 6.34 0.61 7.23
CA TYR C 91 5.89 -0.29 8.29
C TYR C 91 6.95 -1.28 8.69
N CYS C 92 7.00 -1.58 9.97
CA CYS C 92 7.98 -2.50 10.52
C CYS C 92 7.33 -3.88 10.69
N GLN C 93 7.92 -4.94 10.16
CA GLN C 93 7.30 -6.27 10.30
C GLN C 93 8.14 -7.30 11.04
N GLN C 94 7.66 -8.55 11.05
CA GLN C 94 8.34 -9.66 11.72
C GLN C 94 7.79 -11.02 11.29
N THR C 95 8.64 -11.87 10.72
CA THR C 95 8.22 -13.20 10.26
C THR C 95 8.82 -14.33 11.11
N ASN C 96 9.05 -14.06 12.38
CA ASN C 96 9.63 -15.07 13.25
C ASN C 96 8.58 -15.82 14.02
N VAL C 97 7.86 -15.10 14.88
CA VAL C 97 6.79 -15.72 15.67
C VAL C 97 5.51 -15.82 14.82
N ASP C 98 4.72 -16.86 15.04
CA ASP C 98 3.54 -17.08 14.24
C ASP C 98 2.31 -16.13 14.13
N PRO C 99 2.16 -15.12 15.03
CA PRO C 99 0.98 -14.26 14.84
C PRO C 99 1.53 -13.05 14.09
N TRP C 100 2.36 -13.33 13.09
CA TRP C 100 3.01 -12.29 12.30
C TRP C 100 2.24 -11.00 12.13
N ALA C 101 2.73 -9.95 12.76
CA ALA C 101 2.07 -8.66 12.67
C ALA C 101 3.02 -7.67 12.02
N PHE C 102 2.54 -6.45 11.92
CA PHE C 102 3.33 -5.36 11.38
C PHE C 102 3.36 -4.40 12.57
N GLY C 103 3.70 -3.14 12.34
CA GLY C 103 3.72 -2.22 13.46
C GLY C 103 2.87 -0.99 13.27
N GLY C 104 3.06 0.00 14.13
CA GLY C 104 2.29 1.23 14.04
C GLY C 104 2.69 2.03 12.81
N GLY C 105 3.93 1.86 12.39
CA GLY C 105 4.42 2.56 11.22
C GLY C 105 4.81 3.98 11.50
N THR C 106 4.98 4.76 10.43
CA THR C 106 5.36 6.14 10.58
C THR C 106 5.17 6.97 9.30
N LYS C 107 4.74 8.20 9.50
CA LYS C 107 4.49 9.11 8.39
C LYS C 107 5.70 9.97 8.10
N LEU C 108 6.04 10.04 6.83
CA LEU C 108 7.15 10.85 6.39
C LEU C 108 6.63 12.19 5.91
N GLU C 109 7.51 13.19 5.93
CA GLU C 109 7.15 14.52 5.49
C GLU C 109 8.44 15.23 5.12
N ILE C 110 8.47 15.90 3.98
CA ILE C 110 9.69 16.58 3.60
C ILE C 110 9.65 18.08 3.78
N LYS C 111 10.78 18.76 3.57
CA LYS C 111 10.86 20.21 3.75
C LYS C 111 11.08 21.07 2.49
N ARG C 112 9.98 21.61 1.99
CA ARG C 112 9.99 22.45 0.80
C ARG C 112 10.11 23.91 1.25
N ALA C 113 10.88 24.72 0.53
CA ALA C 113 11.03 26.13 0.88
C ALA C 113 9.67 26.76 1.20
N ASP C 114 9.53 27.28 2.43
CA ASP C 114 8.31 27.95 2.89
C ASP C 114 7.52 28.44 1.68
N ALA C 115 6.49 27.68 1.29
CA ALA C 115 5.71 28.04 0.11
C ALA C 115 4.42 28.82 0.33
N ALA C 116 4.19 29.78 -0.55
CA ALA C 116 3.03 30.66 -0.48
C ALA C 116 1.93 30.17 -1.43
N PRO C 117 0.71 29.90 -0.89
CA PRO C 117 -0.52 29.43 -1.56
C PRO C 117 -0.92 29.99 -2.94
N THR C 118 -1.95 29.40 -3.52
CA THR C 118 -2.38 29.79 -4.86
C THR C 118 -3.75 30.48 -4.89
N VAL C 119 -4.29 30.59 -6.10
CA VAL C 119 -5.60 31.23 -6.37
C VAL C 119 -6.57 30.28 -7.08
N SER C 120 -7.61 29.86 -6.39
CA SER C 120 -8.58 28.96 -6.97
C SER C 120 -9.80 29.24 -6.10
N ILE C 121 -10.95 29.54 -6.69
CA ILE C 121 -12.19 29.91 -5.99
C ILE C 121 -13.10 29.29 -6.97
N PHE C 122 -14.39 29.09 -6.76
CA PHE C 122 -15.22 28.54 -7.86
C PHE C 122 -16.70 28.13 -7.69
N PRO C 123 -17.57 28.84 -8.45
CA PRO C 123 -19.03 28.76 -8.57
C PRO C 123 -19.59 27.38 -8.81
N PRO C 124 -20.87 27.21 -8.46
CA PRO C 124 -21.61 25.96 -8.62
C PRO C 124 -22.08 25.79 -10.03
N SER C 125 -21.26 25.16 -10.84
CA SER C 125 -21.65 24.98 -12.21
C SER C 125 -23.09 24.70 -12.33
N SER C 126 -23.68 25.50 -13.19
CA SER C 126 -25.10 25.47 -13.49
C SER C 126 -25.58 24.29 -14.25
N GLU C 127 -26.65 23.74 -13.77
CA GLU C 127 -27.19 22.68 -14.52
C GLU C 127 -28.51 23.35 -14.77
N GLN C 128 -29.02 23.16 -15.99
CA GLN C 128 -30.30 23.71 -16.42
C GLN C 128 -31.31 23.12 -15.42
N LEU C 129 -30.89 22.02 -14.76
CA LEU C 129 -31.71 21.32 -13.78
C LEU C 129 -31.08 21.08 -12.41
N THR C 130 -30.22 21.98 -11.95
CA THR C 130 -29.60 21.74 -10.66
C THR C 130 -30.64 21.83 -9.55
N SER C 131 -30.64 20.83 -8.68
CA SER C 131 -31.55 20.71 -7.54
C SER C 131 -31.22 21.57 -6.30
N GLY C 132 -30.09 22.25 -6.33
CA GLY C 132 -29.72 23.09 -5.19
C GLY C 132 -28.95 24.32 -5.66
N GLY C 133 -27.67 24.09 -5.94
CA GLY C 133 -26.79 25.15 -6.38
C GLY C 133 -25.67 25.28 -5.36
N ALA C 134 -25.86 24.68 -4.19
CA ALA C 134 -24.88 24.73 -3.13
C ALA C 134 -23.59 24.00 -3.46
N SER C 135 -22.71 24.70 -4.15
CA SER C 135 -21.43 24.16 -4.52
C SER C 135 -20.48 25.31 -4.71
N VAL C 136 -20.11 25.88 -3.56
CA VAL C 136 -19.18 26.97 -3.53
C VAL C 136 -17.86 26.31 -3.19
N VAL C 137 -17.18 25.77 -4.19
CA VAL C 137 -15.92 25.12 -3.93
C VAL C 137 -14.74 26.08 -3.94
N CYS C 138 -13.88 25.98 -2.94
CA CYS C 138 -12.72 26.80 -2.97
C CYS C 138 -11.48 25.94 -3.15
N PHE C 139 -10.60 26.35 -4.05
CA PHE C 139 -9.40 25.59 -4.31
C PHE C 139 -8.19 26.30 -3.77
N LEU C 140 -7.30 25.56 -3.16
CA LEU C 140 -6.07 26.10 -2.67
C LEU C 140 -5.19 25.00 -3.25
N ASN C 141 -4.31 25.38 -4.18
CA ASN C 141 -3.48 24.40 -4.87
C ASN C 141 -2.03 24.11 -4.46
N ASN C 142 -1.34 25.00 -3.77
CA ASN C 142 0.04 24.68 -3.47
C ASN C 142 0.53 25.47 -2.29
N PHE C 143 1.34 24.83 -1.46
CA PHE C 143 1.94 25.47 -0.30
C PHE C 143 2.64 24.40 0.52
N TYR C 144 3.63 24.80 1.30
CA TYR C 144 4.41 23.85 2.10
C TYR C 144 3.94 23.61 3.53
N PRO C 145 3.74 24.67 4.33
CA PRO C 145 3.29 24.32 5.67
C PRO C 145 1.94 23.58 5.69
N LYS C 146 1.95 22.42 6.33
CA LYS C 146 0.79 21.58 6.44
C LYS C 146 -0.22 22.30 7.31
N ASP C 147 -0.34 23.62 7.31
CA ASP C 147 -1.30 23.95 8.33
C ASP C 147 -2.75 24.35 8.37
N ILE C 148 -3.13 25.45 9.03
CA ILE C 148 -4.56 25.42 9.34
C ILE C 148 -5.96 25.79 8.73
N ASN C 149 -6.74 26.62 9.45
CA ASN C 149 -8.12 26.96 9.13
C ASN C 149 -8.46 28.02 8.14
N VAL C 150 -9.32 27.66 7.20
CA VAL C 150 -9.74 28.59 6.18
C VAL C 150 -11.16 29.04 6.48
N LYS C 151 -11.49 30.26 6.08
CA LYS C 151 -12.84 30.75 6.31
C LYS C 151 -13.70 30.92 5.08
N TRP C 152 -14.99 30.97 5.33
CA TRP C 152 -15.95 31.09 4.27
C TRP C 152 -16.82 32.25 4.58
N LYS C 153 -16.32 33.43 4.25
CA LYS C 153 -17.04 34.68 4.54
C LYS C 153 -18.16 35.20 3.66
N ILE C 154 -19.37 34.74 3.93
CA ILE C 154 -20.59 35.25 3.29
C ILE C 154 -20.32 36.71 3.71
N ASP C 155 -20.58 37.77 2.94
CA ASP C 155 -20.27 39.03 3.61
C ASP C 155 -21.33 39.63 4.51
N GLY C 156 -20.82 39.59 5.73
CA GLY C 156 -21.46 39.98 6.94
C GLY C 156 -20.72 38.97 7.82
N SER C 157 -21.46 38.20 8.62
CA SER C 157 -20.83 37.19 9.45
C SER C 157 -20.83 35.99 8.52
N GLU C 158 -19.71 35.29 8.42
CA GLU C 158 -19.58 34.10 7.57
C GLU C 158 -20.55 32.96 7.83
N ARG C 159 -20.44 31.92 7.01
CA ARG C 159 -21.31 30.75 7.16
C ARG C 159 -20.60 29.51 7.68
N GLN C 160 -21.20 28.90 8.71
CA GLN C 160 -20.69 27.68 9.33
C GLN C 160 -21.22 26.58 8.42
N ASN C 161 -22.30 26.90 7.74
CA ASN C 161 -22.98 25.98 6.81
C ASN C 161 -22.11 25.15 5.86
N GLY C 162 -22.40 23.87 5.65
CA GLY C 162 -21.57 23.14 4.71
C GLY C 162 -20.08 22.98 5.05
N VAL C 163 -19.73 23.32 6.30
CA VAL C 163 -18.35 23.22 6.83
C VAL C 163 -17.66 21.90 6.47
N LEU C 164 -16.83 21.89 5.43
CA LEU C 164 -16.09 20.65 5.10
C LEU C 164 -14.66 20.90 4.56
N ASN C 165 -13.86 19.83 4.47
CA ASN C 165 -12.46 20.01 4.05
C ASN C 165 -11.86 18.82 3.29
N SER C 166 -10.63 18.99 2.81
CA SER C 166 -9.96 17.94 2.03
C SER C 166 -8.44 18.14 2.07
N TRP C 167 -7.68 17.06 2.15
CA TRP C 167 -6.23 17.21 2.24
C TRP C 167 -5.35 16.40 1.29
N THR C 168 -4.87 17.06 0.23
CA THR C 168 -4.01 16.39 -0.73
C THR C 168 -2.60 16.32 -0.20
N ASP C 169 -2.19 15.14 0.24
CA ASP C 169 -0.84 14.97 0.79
C ASP C 169 0.26 15.28 -0.25
N GLN C 170 1.34 15.92 0.19
CA GLN C 170 2.42 16.32 -0.72
C GLN C 170 2.80 15.33 -1.80
N ASP C 171 2.52 15.73 -3.06
CA ASP C 171 2.86 14.86 -4.19
C ASP C 171 4.36 14.90 -4.53
N SER C 172 4.90 13.70 -4.60
CA SER C 172 6.31 13.42 -4.90
C SER C 172 7.05 14.34 -5.91
N LYS C 173 6.60 14.40 -7.16
CA LYS C 173 7.32 15.18 -8.14
C LYS C 173 8.05 16.40 -7.66
N ASP C 174 7.33 17.42 -7.21
CA ASP C 174 8.04 18.58 -6.73
C ASP C 174 7.82 19.03 -5.31
N SER C 175 7.11 18.21 -4.52
CA SER C 175 6.94 18.49 -3.08
C SER C 175 5.92 19.42 -2.41
N THR C 176 4.76 19.60 -3.02
CA THR C 176 3.72 20.51 -2.54
C THR C 176 2.49 19.83 -1.91
N TYR C 177 1.71 20.59 -1.15
CA TYR C 177 0.49 20.07 -0.53
C TYR C 177 -0.66 20.89 -1.13
N SER C 178 -1.89 20.53 -0.79
CA SER C 178 -3.07 21.29 -1.24
C SER C 178 -4.24 21.23 -0.27
N MET C 179 -5.22 22.11 -0.43
CA MET C 179 -6.38 22.08 0.47
C MET C 179 -7.69 22.35 -0.27
N SER C 180 -8.72 21.57 0.01
CA SER C 180 -9.98 21.72 -0.69
C SER C 180 -11.21 21.74 0.23
N SER C 181 -11.76 22.93 0.46
CA SER C 181 -12.95 23.02 1.30
C SER C 181 -14.11 23.56 0.48
N THR C 182 -15.32 23.25 0.92
CA THR C 182 -16.50 23.72 0.21
C THR C 182 -17.60 24.12 1.15
N LEU C 183 -18.77 24.36 0.57
CA LEU C 183 -19.90 24.84 1.32
C LEU C 183 -21.23 24.29 0.78
N THR C 184 -21.75 23.25 1.40
CA THR C 184 -23.02 22.66 0.96
C THR C 184 -24.22 23.35 1.63
N LEU C 185 -25.08 23.89 0.78
CA LEU C 185 -26.27 24.61 1.19
C LEU C 185 -27.40 23.99 0.37
N THR C 186 -28.50 24.72 0.22
CA THR C 186 -29.62 24.28 -0.59
C THR C 186 -29.83 25.41 -1.58
N LYS C 187 -30.94 25.36 -2.29
CA LYS C 187 -31.27 26.38 -3.28
C LYS C 187 -32.10 27.50 -2.64
N ASP C 188 -32.44 27.35 -1.36
CA ASP C 188 -33.23 28.37 -0.67
C ASP C 188 -32.33 29.50 -0.20
N GLU C 189 -31.17 29.13 0.34
CA GLU C 189 -30.24 30.16 0.77
C GLU C 189 -29.23 30.53 -0.29
N TYR C 190 -29.45 30.10 -1.53
CA TYR C 190 -28.49 30.53 -2.56
C TYR C 190 -28.98 31.83 -3.22
N GLU C 191 -30.17 31.86 -3.83
CA GLU C 191 -30.54 33.15 -4.41
C GLU C 191 -31.14 34.19 -3.43
N ARG C 192 -30.43 34.30 -2.29
CA ARG C 192 -30.73 35.28 -1.27
C ARG C 192 -29.42 36.01 -0.94
N HIS C 193 -28.29 35.33 -1.10
CA HIS C 193 -26.97 35.88 -0.78
C HIS C 193 -26.11 36.19 -2.03
N ASN C 194 -25.48 37.37 -2.09
CA ASN C 194 -24.63 37.72 -3.26
C ASN C 194 -23.10 37.50 -3.10
N SER C 195 -22.45 38.20 -2.17
CA SER C 195 -21.00 38.05 -2.02
C SER C 195 -20.58 36.93 -1.07
N TYR C 196 -19.56 36.17 -1.49
CA TYR C 196 -18.98 35.07 -0.73
C TYR C 196 -17.45 35.17 -0.69
N THR C 197 -16.88 34.91 0.48
CA THR C 197 -15.44 35.01 0.66
C THR C 197 -14.80 33.78 1.28
N CYS C 198 -13.92 33.14 0.54
CA CYS C 198 -13.22 31.98 1.03
C CYS C 198 -11.88 32.41 1.59
N GLU C 199 -11.85 32.67 2.88
CA GLU C 199 -10.64 33.16 3.51
C GLU C 199 -9.62 32.19 4.04
N ALA C 200 -8.41 32.32 3.52
CA ALA C 200 -7.26 31.56 3.98
C ALA C 200 -6.60 32.64 4.84
N THR C 201 -5.28 32.75 4.85
CA THR C 201 -4.69 33.81 5.65
C THR C 201 -3.65 34.62 4.90
N LYS C 206 -12.01 33.64 -3.49
CA LYS C 206 -11.97 35.08 -3.41
C LYS C 206 -13.35 35.74 -3.47
N SER C 207 -13.69 36.33 -4.61
CA SER C 207 -14.94 37.06 -4.70
C SER C 207 -16.18 36.49 -5.39
N PHE C 208 -17.35 37.00 -4.95
CA PHE C 208 -18.68 36.67 -5.45
C PHE C 208 -18.83 35.18 -5.81
#